data_9CGW
#
_entry.id   9CGW
#
_cell.length_a   91.810
_cell.length_b   91.810
_cell.length_c   161.170
_cell.angle_alpha   90.00
_cell.angle_beta   90.00
_cell.angle_gamma   120.00
#
_symmetry.space_group_name_H-M   'P 32 2 1'
#
loop_
_entity.id
_entity.type
_entity.pdbx_description
1 polymer 'TP-methylase family protein'
2 polymer 'Extradiol ring-cleavage dioxygenase LigAB LigA subunit domain-containing protein'
3 non-polymer 'ZINC ION'
4 water water
#
loop_
_entity_poly.entity_id
_entity_poly.type
_entity_poly.pdbx_seq_one_letter_code
_entity_poly.pdbx_strand_id
1 'polypeptide(L)'
;MGSLVCVGTGLQLAGQISVLSRSYIEHADIVFSLLPDGFSQRWLTKLNPNVINLQQFYAQNGEVKNRRDTYEQMVNAILD
AVRAGKKTVCALYGHPGVFACVSHMAITRAKAEGFSAKMEPGISAEACLWADLGIDPGNSGHQSFEASQFMFFNHVPDPT
THLLLWQIAIAGEHTLTQFHTSSDRLQILVEQLNQWYPLDHEVVIYEAANLPIQAPRIERLPLANLPQAHLMPISTLLIP
PAKKLEYNYAILAKLGIGPEDLG
;
A,C
2 'polypeptide(L)' MHHHHHHMSGLSDFFTQLGQDAQLMEDYKQNPEAVMRAHGLTDEQINAVMTGDMEKLKTLSGDSSYQSYLVWSHGNGD B,D
#
loop_
_chem_comp.id
_chem_comp.type
_chem_comp.name
_chem_comp.formula
ZN non-polymer 'ZINC ION' 'Zn 2'
#
# COMPACT_ATOMS: atom_id res chain seq x y z
N GLY A 2 0.98 -19.77 21.78
CA GLY A 2 2.25 -19.20 21.26
C GLY A 2 2.03 -17.76 20.81
N SER A 3 1.92 -17.57 19.48
CA SER A 3 1.74 -16.24 18.92
C SER A 3 1.04 -16.34 17.56
N LEU A 4 0.43 -15.23 17.13
CA LEU A 4 -0.18 -15.14 15.83
C LEU A 4 0.40 -13.95 15.08
N VAL A 5 0.71 -14.17 13.80
CA VAL A 5 1.16 -13.09 12.93
C VAL A 5 0.59 -13.33 11.53
N CYS A 6 -0.23 -12.38 11.06
CA CYS A 6 -0.77 -12.41 9.71
C CYS A 6 0.16 -11.62 8.79
N VAL A 7 0.43 -12.19 7.62
CA VAL A 7 1.32 -11.55 6.64
C VAL A 7 0.62 -11.54 5.29
N GLY A 8 0.98 -10.56 4.47
CA GLY A 8 0.45 -10.44 3.11
C GLY A 8 1.52 -10.83 2.08
N THR A 9 1.09 -11.54 1.04
CA THR A 9 2.00 -12.02 0.01
C THR A 9 1.98 -11.05 -1.18
N GLY A 10 1.17 -10.00 -1.06
CA GLY A 10 0.95 -9.07 -2.16
C GLY A 10 0.09 -9.71 -3.24
N LEU A 11 0.27 -9.27 -4.48
CA LEU A 11 -0.51 -9.79 -5.59
C LEU A 11 0.35 -10.72 -6.45
N GLN A 12 1.53 -10.23 -6.84
CA GLN A 12 2.47 -11.03 -7.62
C GLN A 12 2.95 -12.21 -6.78
N LEU A 13 3.30 -13.30 -7.47
CA LEU A 13 3.76 -14.52 -6.83
C LEU A 13 5.22 -14.39 -6.43
N ALA A 14 5.50 -14.69 -5.15
CA ALA A 14 6.86 -14.89 -4.68
C ALA A 14 7.54 -13.56 -4.36
N GLY A 15 7.62 -12.67 -5.35
CA GLY A 15 8.53 -11.54 -5.29
C GLY A 15 7.89 -10.29 -4.66
N GLN A 16 6.56 -10.33 -4.46
CA GLN A 16 5.85 -9.15 -4.01
C GLN A 16 5.42 -9.34 -2.56
N ILE A 17 6.38 -9.75 -1.71
CA ILE A 17 6.14 -9.98 -0.30
C ILE A 17 7.31 -9.42 0.49
N SER A 18 7.02 -8.90 1.69
CA SER A 18 8.04 -8.33 2.55
C SER A 18 9.11 -9.38 2.86
N VAL A 19 10.35 -8.92 3.02
CA VAL A 19 11.46 -9.78 3.39
C VAL A 19 11.17 -10.38 4.77
N LEU A 20 10.56 -9.57 5.64
CA LEU A 20 10.29 -9.97 7.02
C LEU A 20 9.12 -10.96 7.04
N SER A 21 8.04 -10.62 6.32
CA SER A 21 6.87 -11.46 6.25
C SER A 21 7.26 -12.84 5.75
N ARG A 22 8.16 -12.87 4.76
CA ARG A 22 8.65 -14.11 4.19
C ARG A 22 9.40 -14.89 5.27
N SER A 23 10.15 -14.17 6.10
CA SER A 23 10.92 -14.78 7.17
C SER A 23 9.97 -15.43 8.18
N TYR A 24 8.85 -14.75 8.46
CA TYR A 24 7.88 -15.25 9.42
C TYR A 24 7.36 -16.60 8.96
N ILE A 25 7.14 -16.74 7.65
CA ILE A 25 6.55 -17.94 7.10
C ILE A 25 7.58 -19.07 7.15
N GLU A 26 8.85 -18.69 7.17
CA GLU A 26 9.95 -19.64 7.12
C GLU A 26 10.21 -20.20 8.51
N HIS A 27 10.09 -19.34 9.53
CA HIS A 27 10.44 -19.71 10.90
C HIS A 27 9.18 -19.88 11.75
N ALA A 28 8.14 -20.46 11.14
CA ALA A 28 6.87 -20.67 11.83
C ALA A 28 6.61 -22.16 11.99
N ASP A 29 6.03 -22.53 13.14
CA ASP A 29 5.71 -23.91 13.45
C ASP A 29 4.64 -24.41 12.48
N ILE A 30 3.63 -23.56 12.27
CA ILE A 30 2.52 -23.88 11.39
C ILE A 30 2.10 -22.62 10.64
N VAL A 31 1.51 -22.81 9.46
CA VAL A 31 1.13 -21.71 8.60
C VAL A 31 -0.23 -21.99 7.98
N PHE A 32 -1.20 -21.10 8.24
CA PHE A 32 -2.51 -21.19 7.63
C PHE A 32 -2.53 -20.27 6.41
N SER A 33 -2.97 -20.81 5.28
CA SER A 33 -2.90 -20.10 4.01
C SER A 33 -4.30 -19.82 3.48
N LEU A 34 -4.40 -18.74 2.69
CA LEU A 34 -5.61 -18.44 1.96
C LEU A 34 -5.23 -17.68 0.69
N LEU A 35 -4.60 -18.40 -0.25
CA LEU A 35 -4.04 -17.80 -1.43
C LEU A 35 -4.88 -18.17 -2.66
N PRO A 36 -4.71 -17.48 -3.80
CA PRO A 36 -5.57 -17.67 -4.97
C PRO A 36 -5.29 -18.98 -5.71
N ASP A 37 -4.17 -19.02 -6.42
CA ASP A 37 -3.87 -20.11 -7.33
C ASP A 37 -3.04 -21.18 -6.62
N GLY A 38 -2.73 -22.25 -7.34
CA GLY A 38 -1.97 -23.36 -6.80
C GLY A 38 -0.46 -23.14 -6.93
N PHE A 39 -0.08 -22.31 -7.91
CA PHE A 39 1.31 -21.91 -8.05
C PHE A 39 1.76 -21.25 -6.75
N SER A 40 0.85 -20.46 -6.16
CA SER A 40 1.13 -19.75 -4.92
C SER A 40 1.17 -20.74 -3.75
N GLN A 41 0.35 -21.78 -3.85
CA GLN A 41 0.24 -22.77 -2.78
C GLN A 41 1.52 -23.59 -2.72
N ARG A 42 2.08 -23.94 -3.89
CA ARG A 42 3.31 -24.71 -3.96
C ARG A 42 4.46 -23.86 -3.43
N TRP A 43 4.55 -22.62 -3.93
CA TRP A 43 5.54 -21.67 -3.46
C TRP A 43 5.61 -21.70 -1.93
N LEU A 44 4.44 -21.60 -1.29
CA LEU A 44 4.36 -21.55 0.15
C LEU A 44 4.88 -22.85 0.74
N THR A 45 4.45 -23.99 0.16
CA THR A 45 4.82 -25.30 0.66
C THR A 45 6.34 -25.40 0.76
N LYS A 46 7.04 -25.13 -0.35
CA LYS A 46 8.48 -25.24 -0.39
C LYS A 46 9.10 -24.31 0.65
N LEU A 47 8.37 -23.24 0.98
CA LEU A 47 8.85 -22.23 1.90
C LEU A 47 8.66 -22.71 3.34
N ASN A 48 7.63 -23.55 3.53
CA ASN A 48 7.35 -24.16 4.82
C ASN A 48 6.40 -25.33 4.61
N PRO A 49 6.84 -26.57 4.92
CA PRO A 49 6.04 -27.76 4.64
C PRO A 49 4.75 -27.85 5.46
N ASN A 50 4.77 -27.25 6.65
CA ASN A 50 3.65 -27.35 7.57
C ASN A 50 2.65 -26.23 7.26
N VAL A 51 1.76 -26.51 6.31
CA VAL A 51 0.81 -25.51 5.82
C VAL A 51 -0.60 -26.10 5.85
N ILE A 52 -1.54 -25.33 6.39
CA ILE A 52 -2.95 -25.69 6.36
C ILE A 52 -3.68 -24.74 5.41
N ASN A 53 -4.27 -25.30 4.35
CA ASN A 53 -5.01 -24.51 3.38
C ASN A 53 -6.42 -24.25 3.91
N LEU A 54 -6.84 -22.97 3.89
CA LEU A 54 -8.10 -22.57 4.47
C LEU A 54 -9.19 -22.55 3.40
N GLN A 55 -8.84 -22.89 2.17
CA GLN A 55 -9.80 -22.93 1.07
C GLN A 55 -10.77 -24.09 1.31
N GLN A 56 -10.40 -24.98 2.23
CA GLN A 56 -11.13 -26.23 2.43
C GLN A 56 -12.38 -25.98 3.26
N PHE A 57 -12.41 -24.85 3.98
CA PHE A 57 -13.50 -24.55 4.91
C PHE A 57 -14.71 -24.06 4.13
N TYR A 58 -14.51 -23.76 2.84
CA TYR A 58 -15.59 -23.26 2.01
C TYR A 58 -16.52 -24.41 1.64
N ALA A 59 -17.65 -24.05 1.03
CA ALA A 59 -18.65 -25.03 0.61
C ALA A 59 -17.98 -26.16 -0.16
N VAL A 64 -22.89 -26.29 0.93
CA VAL A 64 -23.60 -24.99 1.15
C VAL A 64 -23.39 -24.54 2.59
N LYS A 65 -22.83 -23.33 2.76
CA LYS A 65 -22.60 -22.76 4.08
C LYS A 65 -22.44 -21.25 3.97
N ASN A 66 -23.03 -20.52 4.94
CA ASN A 66 -22.92 -19.08 5.01
C ASN A 66 -21.46 -18.70 5.26
N ARG A 67 -21.04 -17.58 4.66
CA ARG A 67 -19.66 -17.12 4.79
C ARG A 67 -19.25 -17.00 6.25
N ARG A 68 -20.06 -16.31 7.07
CA ARG A 68 -19.70 -16.05 8.44
C ARG A 68 -19.48 -17.38 9.17
N ASP A 69 -20.02 -18.47 8.62
CA ASP A 69 -19.80 -19.79 9.19
C ASP A 69 -18.42 -20.30 8.78
N THR A 70 -18.11 -20.17 7.49
CA THR A 70 -16.84 -20.62 6.95
C THR A 70 -15.71 -19.90 7.69
N TYR A 71 -15.89 -18.59 7.91
CA TYR A 71 -14.87 -17.78 8.57
C TYR A 71 -14.73 -18.23 10.02
N GLU A 72 -15.88 -18.47 10.68
CA GLU A 72 -15.88 -18.91 12.06
C GLU A 72 -14.93 -20.10 12.20
N GLN A 73 -15.04 -21.05 11.27
CA GLN A 73 -14.23 -22.24 11.27
C GLN A 73 -12.77 -21.87 10.99
N MET A 74 -12.57 -21.11 9.91
CA MET A 74 -11.24 -20.66 9.52
C MET A 74 -10.52 -20.07 10.73
N VAL A 75 -11.20 -19.17 11.44
CA VAL A 75 -10.60 -18.44 12.54
C VAL A 75 -10.30 -19.40 13.68
N ASN A 76 -11.27 -20.27 14.00
CA ASN A 76 -11.12 -21.20 15.11
C ASN A 76 -9.92 -22.11 14.88
N ALA A 77 -9.73 -22.56 13.63
CA ALA A 77 -8.64 -23.44 13.28
C ALA A 77 -7.31 -22.77 13.60
N ILE A 78 -7.24 -21.46 13.36
CA ILE A 78 -6.02 -20.69 13.55
C ILE A 78 -5.74 -20.57 15.06
N LEU A 79 -6.77 -20.27 15.85
CA LEU A 79 -6.61 -20.09 17.28
C LEU A 79 -6.24 -21.43 17.91
N ASP A 80 -6.71 -22.53 17.33
CA ASP A 80 -6.43 -23.85 17.85
C ASP A 80 -4.91 -24.05 17.88
N ALA A 81 -4.22 -23.51 16.88
CA ALA A 81 -2.78 -23.62 16.79
C ALA A 81 -2.12 -22.70 17.82
N VAL A 82 -2.67 -21.49 17.98
CA VAL A 82 -2.13 -20.51 18.92
C VAL A 82 -2.28 -21.07 20.34
N ARG A 83 -3.50 -21.55 20.65
CA ARG A 83 -3.78 -22.10 21.97
C ARG A 83 -2.84 -23.26 22.26
N ALA A 84 -2.49 -24.02 21.21
CA ALA A 84 -1.67 -25.21 21.34
C ALA A 84 -0.24 -24.82 21.69
N GLY A 85 0.10 -23.54 21.49
CA GLY A 85 1.42 -23.04 21.82
C GLY A 85 2.30 -22.91 20.57
N LYS A 86 1.66 -23.00 19.40
CA LYS A 86 2.38 -22.98 18.14
C LYS A 86 2.59 -21.53 17.68
N LYS A 87 3.82 -21.21 17.30
CA LYS A 87 4.13 -19.93 16.68
C LYS A 87 3.47 -19.90 15.31
N THR A 88 2.24 -19.37 15.27
CA THR A 88 1.39 -19.45 14.10
C THR A 88 1.61 -18.24 13.22
N VAL A 89 1.50 -18.46 11.89
CA VAL A 89 1.57 -17.39 10.91
C VAL A 89 0.50 -17.62 9.85
N CYS A 90 -0.32 -16.59 9.60
CA CYS A 90 -1.34 -16.65 8.58
CA CYS A 90 -1.35 -16.65 8.58
C CYS A 90 -0.84 -15.95 7.32
N ALA A 91 -0.91 -16.65 6.19
CA ALA A 91 -0.46 -16.11 4.92
C ALA A 91 -1.65 -15.75 4.04
N LEU A 92 -1.91 -14.45 3.90
CA LEU A 92 -3.04 -13.98 3.13
C LEU A 92 -2.57 -13.35 1.82
N TYR A 93 -3.54 -13.10 0.93
CA TYR A 93 -3.27 -12.46 -0.34
C TYR A 93 -3.28 -10.94 -0.14
N GLY A 94 -2.44 -10.25 -0.92
CA GLY A 94 -2.38 -8.80 -0.88
C GLY A 94 -1.95 -8.29 0.49
N HIS A 95 -2.76 -7.36 1.04
CA HIS A 95 -2.53 -6.84 2.38
C HIS A 95 -3.45 -7.59 3.33
N PRO A 96 -2.92 -8.14 4.45
CA PRO A 96 -3.70 -9.04 5.31
C PRO A 96 -4.79 -8.33 6.10
N GLY A 97 -4.96 -7.02 5.86
CA GLY A 97 -5.92 -6.22 6.59
C GLY A 97 -6.96 -5.59 5.67
N VAL A 98 -6.60 -5.42 4.39
CA VAL A 98 -7.50 -4.83 3.41
C VAL A 98 -8.39 -5.93 2.83
N PHE A 99 -9.70 -5.80 3.07
CA PHE A 99 -10.66 -6.81 2.64
C PHE A 99 -10.24 -8.15 3.21
N ALA A 100 -10.29 -8.27 4.54
CA ALA A 100 -9.83 -9.47 5.22
C ALA A 100 -10.50 -9.58 6.59
N CYS A 101 -11.70 -10.16 6.62
CA CYS A 101 -12.45 -10.31 7.85
C CYS A 101 -11.77 -11.33 8.76
N VAL A 102 -11.11 -12.32 8.15
CA VAL A 102 -10.54 -13.44 8.89
C VAL A 102 -9.36 -12.95 9.73
N SER A 103 -8.51 -12.09 9.16
CA SER A 103 -7.34 -11.60 9.87
C SER A 103 -7.77 -10.83 11.11
N HIS A 104 -8.68 -9.86 10.92
CA HIS A 104 -9.11 -9.00 12.00
C HIS A 104 -9.79 -9.84 13.09
N MET A 105 -10.59 -10.82 12.68
CA MET A 105 -11.27 -11.70 13.61
C MET A 105 -10.25 -12.50 14.41
N ALA A 106 -9.26 -13.06 13.71
CA ALA A 106 -8.25 -13.91 14.32
C ALA A 106 -7.41 -13.09 15.29
N ILE A 107 -7.08 -11.86 14.87
CA ILE A 107 -6.21 -10.99 15.65
C ILE A 107 -6.96 -10.48 16.88
N THR A 108 -8.22 -10.06 16.67
CA THR A 108 -9.05 -9.56 17.75
C THR A 108 -9.20 -10.64 18.81
N ARG A 109 -9.58 -11.85 18.36
CA ARG A 109 -9.91 -12.95 19.26
C ARG A 109 -8.62 -13.44 19.92
N ALA A 110 -7.52 -13.42 19.17
CA ALA A 110 -6.22 -13.81 19.70
C ALA A 110 -5.83 -12.87 20.83
N LYS A 111 -5.97 -11.56 20.59
CA LYS A 111 -5.62 -10.56 21.57
C LYS A 111 -6.52 -10.70 22.80
N ALA A 112 -7.78 -11.08 22.58
CA ALA A 112 -8.73 -11.25 23.67
C ALA A 112 -8.20 -12.29 24.65
N GLU A 113 -7.87 -13.47 24.13
CA GLU A 113 -7.39 -14.58 24.94
C GLU A 113 -6.01 -14.26 25.50
N GLY A 114 -5.46 -13.11 25.09
CA GLY A 114 -4.23 -12.60 25.69
C GLY A 114 -2.99 -13.05 24.92
N PHE A 115 -3.21 -13.68 23.75
CA PHE A 115 -2.11 -14.13 22.92
C PHE A 115 -1.47 -12.94 22.21
N SER A 116 -0.15 -12.98 22.08
CA SER A 116 0.58 -11.99 21.31
C SER A 116 0.25 -12.17 19.82
N ALA A 117 -0.34 -11.14 19.22
CA ALA A 117 -0.79 -11.21 17.84
C ALA A 117 -0.61 -9.85 17.17
N LYS A 118 0.00 -9.84 15.98
CA LYS A 118 0.17 -8.61 15.22
C LYS A 118 -0.14 -8.87 13.75
N MET A 119 -0.18 -7.77 12.98
CA MET A 119 -0.42 -7.83 11.55
C MET A 119 0.65 -7.02 10.83
N GLU A 120 1.40 -7.69 9.94
CA GLU A 120 2.43 -7.02 9.15
C GLU A 120 1.81 -6.51 7.86
N PRO A 121 2.00 -5.21 7.54
CA PRO A 121 1.43 -4.63 6.32
C PRO A 121 2.05 -5.22 5.06
N GLY A 122 1.25 -5.28 4.00
CA GLY A 122 1.69 -5.79 2.71
C GLY A 122 1.15 -4.93 1.56
N ILE A 123 1.51 -5.31 0.34
CA ILE A 123 1.16 -4.56 -0.86
C ILE A 123 -0.26 -4.95 -1.28
N SER A 124 -1.16 -3.95 -1.33
CA SER A 124 -2.53 -4.17 -1.71
C SER A 124 -2.71 -3.90 -3.19
N ALA A 125 -3.92 -4.19 -3.70
CA ALA A 125 -4.23 -3.97 -5.10
C ALA A 125 -4.11 -2.48 -5.42
N GLU A 126 -4.37 -1.64 -4.41
CA GLU A 126 -4.28 -0.20 -4.57
C GLU A 126 -2.82 0.19 -4.80
N ALA A 127 -1.93 -0.36 -3.96
CA ALA A 127 -0.50 -0.11 -4.07
C ALA A 127 -0.02 -0.41 -5.48
N CYS A 128 -0.60 -1.46 -6.09
CA CYS A 128 -0.22 -1.87 -7.43
C CYS A 128 -0.84 -0.93 -8.45
N LEU A 129 -2.08 -0.51 -8.21
CA LEU A 129 -2.82 0.33 -9.14
C LEU A 129 -2.00 1.58 -9.43
N TRP A 130 -1.39 2.16 -8.39
CA TRP A 130 -0.66 3.41 -8.52
C TRP A 130 0.56 3.22 -9.41
N ALA A 131 1.30 2.11 -9.18
CA ALA A 131 2.53 1.86 -9.91
C ALA A 131 2.23 1.50 -11.36
N ASP A 132 1.22 0.63 -11.54
CA ASP A 132 0.85 0.15 -12.86
C ASP A 132 0.45 1.32 -13.75
N LEU A 133 -0.44 2.18 -13.24
CA LEU A 133 -0.98 3.28 -14.02
C LEU A 133 -0.06 4.51 -13.92
N GLY A 134 0.85 4.49 -12.94
CA GLY A 134 1.78 5.59 -12.75
C GLY A 134 1.05 6.85 -12.29
N ILE A 135 0.07 6.65 -11.41
CA ILE A 135 -0.70 7.74 -10.83
C ILE A 135 -0.25 7.94 -9.38
N ASP A 136 -0.06 9.20 -9.00
CA ASP A 136 0.32 9.54 -7.63
C ASP A 136 -0.92 10.08 -6.91
N PRO A 137 -1.47 9.33 -5.92
CA PRO A 137 -2.70 9.74 -5.26
C PRO A 137 -2.59 11.10 -4.58
N GLY A 138 -1.37 11.45 -4.16
CA GLY A 138 -1.13 12.73 -3.50
C GLY A 138 -1.16 13.87 -4.52
N ASN A 139 -1.38 13.51 -5.79
CA ASN A 139 -1.39 14.48 -6.89
C ASN A 139 -2.64 15.35 -6.76
N SER A 140 -3.81 14.71 -6.89
CA SER A 140 -5.08 15.42 -6.88
C SER A 140 -5.97 14.89 -5.76
N GLY A 141 -5.41 14.02 -4.91
CA GLY A 141 -6.17 13.36 -3.86
C GLY A 141 -6.63 11.98 -4.30
N HIS A 142 -7.51 11.38 -3.49
CA HIS A 142 -7.88 9.97 -3.68
C HIS A 142 -9.01 9.60 -2.74
N GLN A 143 -10.06 8.98 -3.28
CA GLN A 143 -11.20 8.54 -2.49
C GLN A 143 -11.51 7.08 -2.84
N SER A 144 -11.67 6.26 -1.80
CA SER A 144 -11.97 4.84 -1.97
C SER A 144 -13.29 4.51 -1.27
N PHE A 145 -14.16 3.79 -1.98
CA PHE A 145 -15.43 3.34 -1.42
C PHE A 145 -15.70 1.92 -1.92
N GLU A 146 -16.56 1.22 -1.18
CA GLU A 146 -17.05 -0.08 -1.61
C GLU A 146 -18.34 0.14 -2.41
N ALA A 147 -18.30 -0.18 -3.71
CA ALA A 147 -19.37 0.16 -4.63
C ALA A 147 -20.72 0.10 -3.93
N SER A 148 -21.10 -1.10 -3.49
CA SER A 148 -22.40 -1.33 -2.87
C SER A 148 -22.67 -0.25 -1.82
N GLN A 149 -21.65 0.06 -1.02
CA GLN A 149 -21.79 1.00 0.07
C GLN A 149 -21.98 2.41 -0.49
N PHE A 150 -21.48 2.63 -1.71
CA PHE A 150 -21.56 3.92 -2.38
C PHE A 150 -22.94 4.08 -3.00
N MET A 151 -23.62 2.95 -3.21
CA MET A 151 -24.95 2.95 -3.82
C MET A 151 -26.02 2.96 -2.74
N PHE A 152 -25.73 2.30 -1.62
CA PHE A 152 -26.72 2.11 -0.56
C PHE A 152 -26.75 3.34 0.35
N PHE A 153 -25.60 4.00 0.50
CA PHE A 153 -25.47 5.12 1.41
C PHE A 153 -25.07 6.36 0.63
N ASN A 154 -25.24 7.53 1.27
CA ASN A 154 -24.92 8.80 0.66
C ASN A 154 -23.41 9.05 0.75
N HIS A 155 -22.76 9.06 -0.40
CA HIS A 155 -21.34 9.40 -0.47
C HIS A 155 -21.11 10.30 -1.69
N VAL A 156 -21.01 11.60 -1.43
CA VAL A 156 -20.76 12.59 -2.48
C VAL A 156 -19.26 12.62 -2.77
N PRO A 157 -18.82 12.14 -3.96
CA PRO A 157 -17.40 12.15 -4.30
C PRO A 157 -16.88 13.51 -4.72
N ASP A 158 -15.60 13.75 -4.45
CA ASP A 158 -14.92 14.96 -4.89
C ASP A 158 -14.32 14.70 -6.28
N PRO A 159 -14.94 15.24 -7.36
CA PRO A 159 -14.50 14.94 -8.72
C PRO A 159 -13.20 15.61 -9.16
N THR A 160 -12.42 16.09 -8.19
CA THR A 160 -11.10 16.61 -8.48
C THR A 160 -10.06 15.55 -8.10
N THR A 161 -10.54 14.47 -7.48
CA THR A 161 -9.66 13.41 -7.01
C THR A 161 -9.92 12.15 -7.82
N HIS A 162 -8.98 11.19 -7.72
CA HIS A 162 -9.17 9.85 -8.24
C HIS A 162 -10.15 9.11 -7.34
N LEU A 163 -11.17 8.50 -7.95
CA LEU A 163 -12.20 7.80 -7.19
C LEU A 163 -12.11 6.31 -7.48
N LEU A 164 -11.97 5.53 -6.41
CA LEU A 164 -11.86 4.08 -6.52
C LEU A 164 -13.11 3.42 -5.95
N LEU A 165 -13.81 2.66 -6.80
CA LEU A 165 -14.95 1.87 -6.36
C LEU A 165 -14.58 0.40 -6.40
N TRP A 166 -14.57 -0.23 -5.23
CA TRP A 166 -14.11 -1.60 -5.08
C TRP A 166 -15.27 -2.57 -5.13
N GLN A 167 -14.97 -3.80 -5.54
CA GLN A 167 -15.97 -4.86 -5.61
C GLN A 167 -17.14 -4.38 -6.47
N ILE A 168 -16.81 -3.94 -7.68
CA ILE A 168 -17.78 -3.37 -8.60
C ILE A 168 -18.59 -4.51 -9.24
N ALA A 169 -18.05 -5.73 -9.16
CA ALA A 169 -18.71 -6.90 -9.72
C ALA A 169 -20.04 -7.15 -9.00
N ILE A 170 -20.02 -7.01 -7.68
CA ILE A 170 -21.18 -7.29 -6.85
C ILE A 170 -21.81 -5.98 -6.40
N ALA A 171 -21.69 -4.94 -7.23
CA ALA A 171 -22.21 -3.63 -6.90
C ALA A 171 -23.73 -3.68 -6.87
N GLY A 172 -24.30 -3.48 -5.67
CA GLY A 172 -25.75 -3.43 -5.50
C GLY A 172 -26.33 -4.79 -5.15
N GLU A 173 -25.45 -5.80 -5.01
CA GLU A 173 -25.88 -7.15 -4.68
C GLU A 173 -26.57 -7.15 -3.32
N HIS A 174 -27.85 -7.54 -3.32
CA HIS A 174 -28.60 -7.74 -2.11
C HIS A 174 -29.63 -8.84 -2.38
N THR A 175 -30.27 -9.36 -1.32
CA THR A 175 -31.22 -10.45 -1.46
C THR A 175 -32.47 -9.92 -2.16
N LEU A 176 -32.67 -8.60 -2.08
CA LEU A 176 -33.88 -7.97 -2.59
C LEU A 176 -33.62 -7.28 -3.94
N THR A 177 -32.47 -7.58 -4.55
CA THR A 177 -32.08 -6.88 -5.76
C THR A 177 -31.77 -7.90 -6.85
N GLN A 178 -31.89 -9.19 -6.50
CA GLN A 178 -31.48 -10.25 -7.39
C GLN A 178 -32.34 -10.22 -8.66
N PHE A 179 -33.54 -9.65 -8.56
CA PHE A 179 -34.43 -9.59 -9.69
C PHE A 179 -33.80 -8.72 -10.78
N HIS A 180 -32.75 -8.00 -10.41
CA HIS A 180 -32.00 -7.19 -11.36
C HIS A 180 -30.76 -7.94 -11.81
N THR A 181 -30.37 -7.72 -13.06
CA THR A 181 -29.15 -8.29 -13.62
C THR A 181 -27.99 -7.33 -13.34
N SER A 182 -26.77 -7.86 -13.39
CA SER A 182 -25.57 -7.08 -13.15
C SER A 182 -25.59 -5.82 -14.03
N SER A 183 -25.96 -6.01 -15.29
CA SER A 183 -26.00 -4.92 -16.25
C SER A 183 -26.92 -3.81 -15.74
N ASP A 184 -28.02 -4.22 -15.09
CA ASP A 184 -29.02 -3.29 -14.60
C ASP A 184 -28.43 -2.46 -13.45
N ARG A 185 -27.97 -3.15 -12.41
CA ARG A 185 -27.41 -2.48 -11.25
C ARG A 185 -26.31 -1.53 -11.69
N LEU A 186 -25.42 -2.00 -12.58
CA LEU A 186 -24.33 -1.20 -13.09
C LEU A 186 -24.89 0.07 -13.75
N GLN A 187 -25.95 -0.12 -14.55
CA GLN A 187 -26.58 1.00 -15.24
C GLN A 187 -27.01 2.04 -14.20
N ILE A 188 -27.56 1.57 -13.09
CA ILE A 188 -28.06 2.43 -12.03
C ILE A 188 -26.89 3.20 -11.43
N LEU A 189 -25.74 2.53 -11.29
CA LEU A 189 -24.54 3.16 -10.78
C LEU A 189 -24.06 4.23 -11.75
N VAL A 190 -24.23 3.95 -13.06
CA VAL A 190 -23.80 4.87 -14.09
C VAL A 190 -24.66 6.13 -14.03
N GLU A 191 -25.96 5.95 -13.80
CA GLU A 191 -26.90 7.06 -13.68
C GLU A 191 -26.51 7.92 -12.48
N GLN A 192 -26.00 7.28 -11.43
CA GLN A 192 -25.65 7.96 -10.20
C GLN A 192 -24.39 8.78 -10.42
N LEU A 193 -23.36 8.16 -11.03
CA LEU A 193 -22.09 8.81 -11.27
C LEU A 193 -22.26 9.93 -12.29
N ASN A 194 -23.28 9.80 -13.14
CA ASN A 194 -23.54 10.78 -14.18
C ASN A 194 -23.78 12.15 -13.56
N GLN A 195 -24.10 12.16 -12.26
CA GLN A 195 -24.36 13.39 -11.53
C GLN A 195 -23.09 14.25 -11.51
N TRP A 196 -21.93 13.60 -11.56
CA TRP A 196 -20.66 14.30 -11.44
C TRP A 196 -19.78 14.04 -12.66
N TYR A 197 -20.00 12.89 -13.30
CA TYR A 197 -19.15 12.45 -14.40
C TYR A 197 -20.00 12.23 -15.65
N PRO A 198 -19.64 12.86 -16.79
CA PRO A 198 -20.35 12.62 -18.05
C PRO A 198 -20.25 11.16 -18.46
N LEU A 199 -21.16 10.74 -19.36
CA LEU A 199 -21.25 9.35 -19.80
C LEU A 199 -20.06 9.03 -20.69
N ASP A 200 -19.41 10.07 -21.23
CA ASP A 200 -18.33 9.90 -22.18
C ASP A 200 -17.01 9.82 -21.41
N HIS A 201 -17.03 10.27 -20.15
CA HIS A 201 -15.86 10.25 -19.30
C HIS A 201 -15.20 8.87 -19.38
N GLU A 202 -13.86 8.85 -19.47
CA GLU A 202 -13.12 7.61 -19.55
C GLU A 202 -12.87 7.08 -18.14
N VAL A 203 -13.26 5.81 -17.92
CA VAL A 203 -13.02 5.15 -16.66
C VAL A 203 -12.14 3.93 -16.92
N VAL A 204 -11.58 3.35 -15.85
CA VAL A 204 -10.62 2.26 -15.98
C VAL A 204 -11.00 1.13 -15.03
N ILE A 205 -11.08 -0.09 -15.58
CA ILE A 205 -11.25 -1.28 -14.79
C ILE A 205 -9.87 -1.90 -14.56
N TYR A 206 -9.53 -2.17 -13.29
CA TYR A 206 -8.19 -2.62 -12.94
C TYR A 206 -8.26 -3.96 -12.22
N GLU A 207 -7.30 -4.83 -12.53
CA GLU A 207 -7.13 -6.11 -11.86
C GLU A 207 -5.64 -6.43 -11.81
N ALA A 208 -5.10 -6.54 -10.59
CA ALA A 208 -3.69 -6.84 -10.40
C ALA A 208 -3.40 -8.26 -10.86
N ALA A 209 -2.20 -8.47 -11.41
CA ALA A 209 -1.77 -9.77 -11.87
C ALA A 209 -1.30 -10.61 -10.70
N ASN A 210 -1.46 -11.94 -10.83
CA ASN A 210 -0.95 -12.88 -9.85
C ASN A 210 0.40 -13.41 -10.32
N LEU A 211 0.42 -13.88 -11.57
CA LEU A 211 1.59 -14.57 -12.11
C LEU A 211 2.50 -13.55 -12.79
N PRO A 212 3.83 -13.78 -12.76
CA PRO A 212 4.79 -12.85 -13.37
C PRO A 212 4.71 -12.80 -14.89
N ILE A 213 4.17 -13.87 -15.49
CA ILE A 213 4.05 -13.95 -16.94
C ILE A 213 2.68 -13.41 -17.35
N GLN A 214 1.91 -12.99 -16.35
CA GLN A 214 0.57 -12.45 -16.56
C GLN A 214 0.60 -10.94 -16.38
N ALA A 215 -0.29 -10.23 -17.10
CA ALA A 215 -0.32 -8.78 -17.06
C ALA A 215 -1.54 -8.32 -16.26
N PRO A 216 -1.49 -7.11 -15.65
CA PRO A 216 -2.65 -6.55 -14.99
C PRO A 216 -3.67 -6.11 -16.04
N ARG A 217 -4.96 -6.36 -15.75
CA ARG A 217 -6.02 -5.89 -16.61
C ARG A 217 -6.17 -4.38 -16.44
N ILE A 218 -6.03 -3.65 -17.55
CA ILE A 218 -6.26 -2.21 -17.57
C ILE A 218 -7.13 -1.88 -18.78
N GLU A 219 -8.45 -1.96 -18.59
CA GLU A 219 -9.40 -1.71 -19.65
C GLU A 219 -9.93 -0.29 -19.52
N ARG A 220 -9.59 0.56 -20.51
CA ARG A 220 -10.12 1.91 -20.58
C ARG A 220 -11.41 1.89 -21.41
N LEU A 221 -12.42 2.61 -20.93
CA LEU A 221 -13.70 2.66 -21.60
C LEU A 221 -14.53 3.82 -21.04
N PRO A 222 -15.47 4.38 -21.83
CA PRO A 222 -16.42 5.37 -21.32
C PRO A 222 -17.33 4.78 -20.25
N LEU A 223 -17.71 5.61 -19.28
CA LEU A 223 -18.53 5.21 -18.15
C LEU A 223 -19.79 4.50 -18.66
N ALA A 224 -20.22 4.85 -19.89
CA ALA A 224 -21.50 4.42 -20.41
C ALA A 224 -21.45 2.93 -20.80
N ASN A 225 -20.28 2.46 -21.21
CA ASN A 225 -20.11 1.10 -21.67
C ASN A 225 -19.81 0.18 -20.48
N LEU A 226 -19.92 0.72 -19.26
CA LEU A 226 -19.56 -0.02 -18.06
C LEU A 226 -20.51 -1.20 -17.87
N PRO A 227 -21.84 -1.00 -17.99
CA PRO A 227 -22.80 -2.09 -17.81
C PRO A 227 -22.50 -3.34 -18.63
N GLN A 228 -21.86 -3.16 -19.80
CA GLN A 228 -21.59 -4.27 -20.70
C GLN A 228 -20.30 -4.98 -20.28
N ALA A 229 -19.40 -4.24 -19.64
CA ALA A 229 -18.09 -4.75 -19.30
C ALA A 229 -18.20 -6.02 -18.48
N HIS A 230 -17.31 -6.99 -18.77
CA HIS A 230 -17.22 -8.22 -17.99
C HIS A 230 -16.33 -7.97 -16.78
N LEU A 231 -16.89 -8.19 -15.58
CA LEU A 231 -16.22 -7.85 -14.34
C LEU A 231 -15.76 -9.14 -13.64
N MET A 232 -14.78 -8.98 -12.74
CA MET A 232 -14.28 -10.09 -11.95
C MET A 232 -14.36 -9.73 -10.46
N PRO A 233 -14.54 -10.72 -9.56
CA PRO A 233 -14.56 -10.46 -8.13
C PRO A 233 -13.53 -9.47 -7.60
N ILE A 234 -12.32 -9.48 -8.19
CA ILE A 234 -11.25 -8.61 -7.70
C ILE A 234 -11.25 -7.30 -8.48
N SER A 235 -12.11 -7.21 -9.50
CA SER A 235 -12.18 -6.03 -10.35
C SER A 235 -12.45 -4.79 -9.50
N THR A 236 -11.81 -3.67 -9.90
CA THR A 236 -12.02 -2.39 -9.24
C THR A 236 -12.22 -1.32 -10.31
N LEU A 237 -13.00 -0.29 -9.99
CA LEU A 237 -13.26 0.80 -10.92
C LEU A 237 -12.46 2.03 -10.50
N LEU A 238 -11.87 2.69 -11.50
CA LEU A 238 -11.12 3.91 -11.28
C LEU A 238 -11.71 5.02 -12.13
N ILE A 239 -12.32 6.01 -11.47
CA ILE A 239 -12.87 7.17 -12.15
C ILE A 239 -11.92 8.35 -11.92
N PRO A 240 -11.09 8.70 -12.94
CA PRO A 240 -10.18 9.84 -12.82
C PRO A 240 -10.94 11.13 -12.60
N PRO A 241 -10.25 12.23 -12.20
CA PRO A 241 -10.91 13.51 -11.96
C PRO A 241 -11.80 13.93 -13.12
N ALA A 242 -12.80 14.76 -12.83
CA ALA A 242 -13.67 15.33 -13.84
C ALA A 242 -13.47 16.85 -13.88
N LYS A 243 -12.90 17.39 -12.81
CA LYS A 243 -12.61 18.82 -12.73
C LYS A 243 -11.17 19.02 -12.25
N LYS A 244 -10.53 20.06 -12.76
CA LYS A 244 -9.20 20.45 -12.30
C LYS A 244 -9.36 21.14 -10.96
N LEU A 245 -8.38 20.98 -10.07
CA LEU A 245 -8.47 21.59 -8.75
C LEU A 245 -8.50 23.11 -8.95
N GLU A 246 -9.33 23.79 -8.14
CA GLU A 246 -9.34 25.25 -8.13
C GLU A 246 -8.80 25.73 -6.78
N TYR A 247 -8.07 26.84 -6.83
CA TYR A 247 -7.42 27.38 -5.65
C TYR A 247 -8.46 27.77 -4.60
N ASN A 248 -8.04 27.75 -3.33
CA ASN A 248 -8.87 28.27 -2.25
C ASN A 248 -8.45 29.72 -2.01
N TYR A 249 -8.84 30.60 -2.94
CA TYR A 249 -8.40 31.98 -2.92
C TYR A 249 -8.63 32.57 -1.53
N ALA A 250 -9.62 32.00 -0.83
CA ALA A 250 -9.94 32.44 0.52
C ALA A 250 -8.76 32.20 1.46
N ILE A 251 -8.26 30.95 1.46
CA ILE A 251 -7.20 30.55 2.36
C ILE A 251 -5.88 31.19 1.91
N LEU A 252 -5.73 31.38 0.60
CA LEU A 252 -4.54 32.00 0.05
C LEU A 252 -4.47 33.45 0.50
N ALA A 253 -5.64 34.04 0.77
CA ALA A 253 -5.73 35.43 1.20
C ALA A 253 -5.10 35.59 2.57
N LYS A 254 -5.42 34.67 3.49
CA LYS A 254 -4.91 34.75 4.86
C LYS A 254 -3.39 34.73 4.85
N LEU A 255 -2.82 33.71 4.21
CA LEU A 255 -1.38 33.52 4.18
C LEU A 255 -0.73 34.64 3.38
N GLY A 256 -1.56 35.41 2.67
CA GLY A 256 -1.11 36.62 2.00
C GLY A 256 -0.31 36.31 0.74
N ILE A 257 -0.56 35.13 0.17
CA ILE A 257 0.11 34.72 -1.05
C ILE A 257 -0.94 34.57 -2.15
N GLY A 258 -0.46 34.31 -3.36
CA GLY A 258 -1.32 34.08 -4.51
C GLY A 258 -0.98 32.73 -5.15
N PRO A 259 -1.76 32.31 -6.17
CA PRO A 259 -1.51 31.02 -6.84
C PRO A 259 -0.10 30.93 -7.40
N GLU A 260 0.54 32.09 -7.62
CA GLU A 260 1.82 32.14 -8.30
C GLU A 260 2.97 32.02 -7.30
N ASP A 261 2.63 31.94 -6.00
CA ASP A 261 3.64 31.94 -4.95
C ASP A 261 3.79 30.54 -4.37
N LEU A 262 2.98 29.60 -4.85
CA LEU A 262 3.00 28.24 -4.34
C LEU A 262 2.95 27.25 -5.50
N GLY B 10 8.54 -27.93 -11.62
CA GLY B 10 9.13 -27.62 -12.95
C GLY B 10 8.69 -26.24 -13.43
N LEU B 11 7.47 -26.18 -13.97
CA LEU B 11 6.87 -24.93 -14.42
C LEU B 11 6.66 -24.02 -13.22
N SER B 12 6.36 -24.62 -12.07
CA SER B 12 6.08 -23.88 -10.85
C SER B 12 7.36 -23.25 -10.31
N ASP B 13 8.47 -23.97 -10.45
CA ASP B 13 9.76 -23.50 -9.97
C ASP B 13 10.19 -22.28 -10.78
N PHE B 14 9.77 -22.24 -12.04
CA PHE B 14 10.14 -21.16 -12.94
C PHE B 14 9.41 -19.88 -12.52
N PHE B 15 8.07 -19.95 -12.53
CA PHE B 15 7.25 -18.80 -12.20
C PHE B 15 7.68 -18.24 -10.86
N THR B 16 8.09 -19.12 -9.94
CA THR B 16 8.48 -18.70 -8.60
C THR B 16 9.77 -17.87 -8.70
N GLN B 17 10.74 -18.37 -9.47
CA GLN B 17 12.01 -17.68 -9.65
C GLN B 17 11.78 -16.36 -10.37
N LEU B 18 10.96 -16.40 -11.44
CA LEU B 18 10.73 -15.24 -12.28
C LEU B 18 10.15 -14.11 -11.45
N GLY B 19 9.33 -14.46 -10.46
CA GLY B 19 8.61 -13.48 -9.67
C GLY B 19 9.50 -12.77 -8.64
N GLN B 20 10.67 -13.37 -8.33
CA GLN B 20 11.47 -12.86 -7.22
C GLN B 20 12.86 -12.45 -7.69
N ASP B 21 13.34 -12.96 -8.82
CA ASP B 21 14.63 -12.55 -9.33
C ASP B 21 14.45 -11.45 -10.37
N ALA B 22 15.09 -10.29 -10.12
CA ALA B 22 14.96 -9.13 -10.98
C ALA B 22 15.72 -9.34 -12.28
N GLN B 23 16.92 -9.92 -12.15
CA GLN B 23 17.76 -10.21 -13.30
C GLN B 23 16.97 -11.10 -14.27
N LEU B 24 16.53 -12.26 -13.77
CA LEU B 24 15.80 -13.22 -14.57
C LEU B 24 14.55 -12.56 -15.15
N MET B 25 13.95 -11.66 -14.36
CA MET B 25 12.74 -10.96 -14.76
C MET B 25 13.03 -10.10 -15.99
N GLU B 26 14.14 -9.35 -15.95
CA GLU B 26 14.52 -8.48 -17.04
C GLU B 26 14.82 -9.33 -18.29
N ASP B 27 15.61 -10.40 -18.11
CA ASP B 27 16.00 -11.27 -19.20
C ASP B 27 14.75 -11.80 -19.91
N TYR B 28 13.76 -12.23 -19.12
CA TYR B 28 12.56 -12.84 -19.65
C TYR B 28 11.89 -11.87 -20.62
N LYS B 29 11.77 -10.61 -20.20
CA LYS B 29 11.02 -9.61 -20.95
C LYS B 29 11.81 -9.19 -22.18
N GLN B 30 13.09 -9.60 -22.24
CA GLN B 30 13.90 -9.38 -23.43
C GLN B 30 13.70 -10.55 -24.40
N ASN B 31 13.88 -11.77 -23.88
CA ASN B 31 13.85 -12.96 -24.70
C ASN B 31 13.03 -14.03 -23.98
N PRO B 32 11.69 -13.92 -24.01
CA PRO B 32 10.83 -14.84 -23.26
C PRO B 32 11.12 -16.30 -23.55
N GLU B 33 11.15 -16.64 -24.84
CA GLU B 33 11.26 -18.03 -25.28
C GLU B 33 12.56 -18.64 -24.77
N ALA B 34 13.69 -18.11 -25.25
CA ALA B 34 15.01 -18.64 -24.91
C ALA B 34 15.10 -18.89 -23.41
N VAL B 35 14.68 -17.90 -22.61
CA VAL B 35 14.80 -17.96 -21.16
C VAL B 35 14.01 -19.16 -20.65
N MET B 36 12.80 -19.35 -21.18
CA MET B 36 11.95 -20.45 -20.77
C MET B 36 12.57 -21.78 -21.18
N ARG B 37 13.24 -21.80 -22.34
CA ARG B 37 13.84 -23.01 -22.85
C ARG B 37 14.99 -23.42 -21.94
N ALA B 38 15.72 -22.43 -21.42
CA ALA B 38 16.88 -22.66 -20.58
C ALA B 38 16.46 -23.20 -19.23
N HIS B 39 15.17 -23.04 -18.89
CA HIS B 39 14.63 -23.60 -17.67
C HIS B 39 13.80 -24.83 -18.00
N GLY B 40 14.11 -25.44 -19.14
CA GLY B 40 13.52 -26.70 -19.56
C GLY B 40 11.99 -26.68 -19.48
N LEU B 41 11.38 -25.86 -20.35
CA LEU B 41 9.94 -25.90 -20.55
C LEU B 41 9.65 -26.53 -21.90
N THR B 42 8.59 -27.34 -21.96
CA THR B 42 8.16 -27.96 -23.20
C THR B 42 7.73 -26.86 -24.18
N ASP B 43 7.63 -27.21 -25.46
CA ASP B 43 7.24 -26.27 -26.49
C ASP B 43 5.78 -25.88 -26.29
N GLU B 44 5.01 -26.78 -25.67
CA GLU B 44 3.60 -26.56 -25.43
C GLU B 44 3.43 -25.52 -24.33
N GLN B 45 4.25 -25.65 -23.27
CA GLN B 45 4.24 -24.71 -22.16
C GLN B 45 4.58 -23.31 -22.68
N ILE B 46 5.70 -23.22 -23.41
CA ILE B 46 6.15 -21.95 -23.97
C ILE B 46 5.00 -21.34 -24.77
N ASN B 47 4.30 -22.18 -25.55
CA ASN B 47 3.21 -21.72 -26.38
C ASN B 47 2.10 -21.14 -25.50
N ALA B 48 1.63 -21.94 -24.55
CA ALA B 48 0.55 -21.55 -23.66
C ALA B 48 0.87 -20.20 -23.02
N VAL B 49 2.12 -20.06 -22.58
CA VAL B 49 2.58 -18.84 -21.92
C VAL B 49 2.56 -17.69 -22.92
N MET B 50 2.98 -17.96 -24.15
CA MET B 50 3.18 -16.93 -25.17
C MET B 50 1.84 -16.51 -25.75
N THR B 51 0.82 -17.39 -25.66
CA THR B 51 -0.52 -17.07 -26.12
C THR B 51 -1.35 -16.58 -24.95
N GLY B 52 -0.79 -16.69 -23.73
CA GLY B 52 -1.46 -16.25 -22.53
C GLY B 52 -2.66 -17.13 -22.20
N ASP B 53 -2.61 -18.39 -22.62
CA ASP B 53 -3.67 -19.34 -22.35
C ASP B 53 -3.43 -19.96 -20.98
N MET B 54 -4.09 -19.38 -19.96
CA MET B 54 -3.83 -19.73 -18.57
C MET B 54 -4.52 -21.03 -18.19
N GLU B 55 -5.54 -21.42 -18.96
CA GLU B 55 -6.29 -22.64 -18.67
C GLU B 55 -5.42 -23.86 -19.01
N LYS B 56 -4.52 -23.70 -19.97
CA LYS B 56 -3.75 -24.81 -20.50
C LYS B 56 -2.48 -25.00 -19.68
N LEU B 57 -2.15 -24.00 -18.86
CA LEU B 57 -1.01 -24.11 -17.94
C LEU B 57 -1.44 -24.90 -16.71
N LYS B 58 -2.69 -24.68 -16.29
CA LYS B 58 -3.26 -25.42 -15.17
C LYS B 58 -3.56 -26.84 -15.64
N THR B 59 -3.46 -27.04 -16.95
CA THR B 59 -3.58 -28.36 -17.55
C THR B 59 -2.21 -29.05 -17.50
N LEU B 60 -1.15 -28.26 -17.74
CA LEU B 60 0.19 -28.79 -17.85
C LEU B 60 0.97 -28.48 -16.58
N SER B 61 0.46 -28.97 -15.44
CA SER B 61 1.10 -28.74 -14.16
C SER B 61 1.12 -30.05 -13.35
N GLY C 2 20.50 1.42 -21.32
CA GLY C 2 20.10 1.92 -19.98
C GLY C 2 18.63 1.66 -19.70
N SER C 3 18.27 1.66 -18.42
CA SER C 3 16.88 1.51 -18.00
C SER C 3 16.73 2.03 -16.57
N LEU C 4 15.48 2.34 -16.20
CA LEU C 4 15.17 2.87 -14.87
C LEU C 4 14.11 2.00 -14.23
N VAL C 5 14.29 1.70 -12.94
CA VAL C 5 13.30 1.00 -12.14
C VAL C 5 13.29 1.61 -10.74
N CYS C 6 12.14 2.19 -10.36
CA CYS C 6 11.99 2.81 -9.06
C CYS C 6 11.35 1.82 -8.09
N VAL C 7 12.05 1.57 -6.97
CA VAL C 7 11.58 0.62 -5.98
C VAL C 7 11.35 1.35 -4.66
N GLY C 8 10.59 0.71 -3.76
CA GLY C 8 10.30 1.27 -2.46
C GLY C 8 10.82 0.36 -1.34
N THR C 9 11.33 0.99 -0.27
CA THR C 9 11.91 0.26 0.85
C THR C 9 10.85 0.02 1.91
N GLY C 10 9.84 0.91 1.97
CA GLY C 10 8.84 0.87 3.01
C GLY C 10 9.17 1.83 4.13
N LEU C 11 8.63 1.57 5.33
CA LEU C 11 8.85 2.42 6.49
C LEU C 11 9.88 1.77 7.41
N GLN C 12 9.64 0.50 7.75
CA GLN C 12 10.57 -0.28 8.55
C GLN C 12 11.90 -0.39 7.81
N LEU C 13 12.94 -0.78 8.56
CA LEU C 13 14.27 -0.93 8.00
C LEU C 13 14.47 -2.36 7.49
N ALA C 14 14.99 -2.48 6.27
CA ALA C 14 15.51 -3.74 5.75
C ALA C 14 14.39 -4.75 5.49
N GLY C 15 13.44 -4.83 6.43
CA GLY C 15 12.50 -5.95 6.45
C GLY C 15 11.22 -5.67 5.68
N GLN C 16 10.98 -4.40 5.31
CA GLN C 16 9.69 -3.99 4.80
C GLN C 16 9.80 -3.64 3.32
N ILE C 17 10.68 -4.37 2.61
CA ILE C 17 10.85 -4.22 1.18
C ILE C 17 10.53 -5.56 0.52
N SER C 18 9.91 -5.51 -0.66
CA SER C 18 9.52 -6.72 -1.35
C SER C 18 10.76 -7.46 -1.84
N VAL C 19 10.68 -8.79 -1.88
CA VAL C 19 11.79 -9.63 -2.28
C VAL C 19 12.31 -9.17 -3.64
N LEU C 20 11.38 -8.87 -4.55
CA LEU C 20 11.74 -8.52 -5.91
C LEU C 20 12.44 -7.17 -5.95
N SER C 21 11.81 -6.18 -5.29
CA SER C 21 12.35 -4.83 -5.27
C SER C 21 13.78 -4.84 -4.75
N ARG C 22 14.04 -5.74 -3.80
CA ARG C 22 15.36 -5.87 -3.20
C ARG C 22 16.33 -6.45 -4.23
N SER C 23 15.85 -7.41 -5.03
CA SER C 23 16.64 -8.04 -6.07
C SER C 23 17.10 -7.00 -7.09
N TYR C 24 16.20 -6.04 -7.40
CA TYR C 24 16.51 -5.00 -8.36
C TYR C 24 17.72 -4.20 -7.88
N ILE C 25 17.81 -3.99 -6.57
CA ILE C 25 18.88 -3.19 -5.99
C ILE C 25 20.19 -3.96 -6.06
N GLU C 26 20.10 -5.29 -5.95
CA GLU C 26 21.28 -6.14 -5.96
C GLU C 26 21.88 -6.19 -7.36
N HIS C 27 21.02 -6.17 -8.39
CA HIS C 27 21.44 -6.41 -9.75
C HIS C 27 21.58 -5.09 -10.51
N ALA C 28 21.35 -3.98 -9.80
CA ALA C 28 21.47 -2.65 -10.40
C ALA C 28 22.94 -2.32 -10.60
N ASP C 29 23.26 -1.73 -11.76
CA ASP C 29 24.60 -1.27 -12.05
C ASP C 29 24.92 -0.08 -11.15
N ILE C 30 23.89 0.73 -10.87
CA ILE C 30 24.03 1.90 -10.02
C ILE C 30 22.70 2.12 -9.30
N VAL C 31 22.79 2.64 -8.07
CA VAL C 31 21.60 2.87 -7.25
C VAL C 31 21.61 4.32 -6.78
N PHE C 32 20.43 4.96 -6.83
CA PHE C 32 20.26 6.33 -6.36
C PHE C 32 19.32 6.32 -5.16
N SER C 33 19.87 6.57 -3.98
CA SER C 33 19.13 6.47 -2.74
C SER C 33 18.51 7.81 -2.37
N LEU C 34 17.40 7.76 -1.63
CA LEU C 34 16.73 8.94 -1.12
C LEU C 34 15.94 8.54 0.12
N LEU C 35 16.66 8.07 1.14
CA LEU C 35 16.05 7.54 2.34
C LEU C 35 16.28 8.51 3.50
N PRO C 36 15.53 8.38 4.62
CA PRO C 36 15.60 9.36 5.70
C PRO C 36 16.82 9.19 6.61
N ASP C 37 16.83 8.12 7.40
CA ASP C 37 17.87 7.91 8.39
C ASP C 37 19.13 7.36 7.71
N GLY C 38 20.20 7.22 8.49
CA GLY C 38 21.47 6.72 7.99
C GLY C 38 21.58 5.20 8.15
N PHE C 39 20.77 4.64 9.06
CA PHE C 39 20.70 3.21 9.24
C PHE C 39 20.21 2.59 7.94
N SER C 40 19.26 3.28 7.30
CA SER C 40 18.70 2.84 6.03
C SER C 40 19.74 3.00 4.92
N GLN C 41 20.55 4.05 5.05
CA GLN C 41 21.55 4.39 4.06
C GLN C 41 22.65 3.33 4.05
N ARG C 42 23.12 2.97 5.25
CA ARG C 42 24.19 1.99 5.39
C ARG C 42 23.71 0.65 4.86
N TRP C 43 22.48 0.27 5.24
CA TRP C 43 21.89 -0.99 4.82
C TRP C 43 21.98 -1.13 3.31
N LEU C 44 21.44 -0.13 2.61
CA LEU C 44 21.40 -0.10 1.16
C LEU C 44 22.79 -0.38 0.58
N THR C 45 23.80 0.28 1.15
CA THR C 45 25.16 0.20 0.63
C THR C 45 25.65 -1.24 0.68
N LYS C 46 25.37 -1.92 1.80
CA LYS C 46 25.81 -3.30 1.98
C LYS C 46 25.00 -4.20 1.06
N LEU C 47 23.99 -3.62 0.43
CA LEU C 47 23.09 -4.34 -0.46
C LEU C 47 23.59 -4.18 -1.89
N ASN C 48 24.31 -3.08 -2.13
CA ASN C 48 24.94 -2.79 -3.41
C ASN C 48 25.95 -1.67 -3.21
N PRO C 49 27.25 -1.88 -3.51
CA PRO C 49 28.28 -0.89 -3.20
C PRO C 49 28.13 0.41 -3.98
N ASN C 50 27.57 0.31 -5.19
CA ASN C 50 27.50 1.43 -6.12
C ASN C 50 26.21 2.20 -5.86
N VAL C 51 26.29 3.18 -4.94
CA VAL C 51 25.11 3.91 -4.50
C VAL C 51 25.42 5.40 -4.50
N ILE C 52 24.53 6.18 -5.11
CA ILE C 52 24.66 7.63 -5.17
C ILE C 52 23.51 8.26 -4.39
N ASN C 53 23.85 8.91 -3.27
CA ASN C 53 22.86 9.51 -2.39
C ASN C 53 22.44 10.86 -2.97
N LEU C 54 21.12 11.06 -3.12
CA LEU C 54 20.59 12.23 -3.81
C LEU C 54 20.37 13.38 -2.82
N GLN C 55 20.45 13.09 -1.52
CA GLN C 55 20.32 14.13 -0.51
C GLN C 55 21.44 15.16 -0.72
N GLN C 56 22.51 14.72 -1.40
CA GLN C 56 23.65 15.58 -1.69
C GLN C 56 23.19 16.77 -2.54
N PHE C 57 22.09 16.59 -3.27
CA PHE C 57 21.58 17.62 -4.16
C PHE C 57 20.66 18.55 -3.38
N LYS C 65 18.00 27.61 -2.72
CA LYS C 65 17.75 26.50 -3.67
C LYS C 65 16.34 25.97 -3.47
N ASN C 66 15.51 26.10 -4.52
CA ASN C 66 14.11 25.75 -4.46
C ASN C 66 13.96 24.26 -4.77
N ARG C 67 12.87 23.65 -4.28
CA ARG C 67 12.61 22.25 -4.52
C ARG C 67 12.47 22.01 -6.03
N ARG C 68 12.12 23.07 -6.76
CA ARG C 68 12.07 23.02 -8.21
C ARG C 68 13.43 22.60 -8.76
N ASP C 69 14.49 23.24 -8.24
CA ASP C 69 15.82 23.11 -8.79
C ASP C 69 16.53 21.92 -8.17
N THR C 70 16.09 21.52 -6.97
CA THR C 70 16.72 20.41 -6.26
C THR C 70 16.40 19.11 -6.99
N TYR C 71 15.11 18.94 -7.33
CA TYR C 71 14.65 17.71 -7.99
C TYR C 71 15.15 17.69 -9.43
N GLU C 72 15.41 18.87 -9.98
CA GLU C 72 15.85 19.00 -11.37
C GLU C 72 17.27 18.45 -11.49
N GLN C 73 18.08 18.68 -10.45
CA GLN C 73 19.45 18.20 -10.42
C GLN C 73 19.45 16.71 -10.08
N MET C 74 18.49 16.29 -9.27
CA MET C 74 18.32 14.89 -8.92
C MET C 74 17.99 14.09 -10.18
N VAL C 75 16.85 14.42 -10.79
CA VAL C 75 16.37 13.70 -11.97
C VAL C 75 17.49 13.67 -13.00
N ASN C 76 18.10 14.84 -13.24
CA ASN C 76 19.14 14.98 -14.25
C ASN C 76 20.25 13.97 -14.00
N ALA C 77 20.58 13.77 -12.72
CA ALA C 77 21.69 12.89 -12.35
C ALA C 77 21.31 11.44 -12.59
N ILE C 78 20.06 11.10 -12.27
CA ILE C 78 19.55 9.75 -12.49
C ILE C 78 19.62 9.42 -13.97
N LEU C 79 19.14 10.36 -14.81
CA LEU C 79 19.11 10.16 -16.24
C LEU C 79 20.51 9.91 -16.77
N ASP C 80 21.45 10.80 -16.43
CA ASP C 80 22.82 10.68 -16.89
C ASP C 80 23.23 9.21 -16.90
N ALA C 81 22.90 8.51 -15.81
CA ALA C 81 23.27 7.12 -15.64
C ALA C 81 22.54 6.25 -16.67
N VAL C 82 21.26 6.57 -16.88
CA VAL C 82 20.41 5.81 -17.79
C VAL C 82 20.85 6.09 -19.22
N ARG C 83 21.28 7.34 -19.47
CA ARG C 83 21.71 7.76 -20.80
C ARG C 83 23.05 7.10 -21.14
N ALA C 84 23.85 6.84 -20.09
CA ALA C 84 25.14 6.20 -20.27
C ALA C 84 24.95 4.71 -20.57
N GLY C 85 23.72 4.23 -20.35
CA GLY C 85 23.35 2.87 -20.69
C GLY C 85 23.45 1.93 -19.50
N LYS C 86 23.61 2.49 -18.29
CA LYS C 86 23.67 1.71 -17.08
C LYS C 86 22.25 1.40 -16.60
N LYS C 87 22.00 0.14 -16.27
CA LYS C 87 20.73 -0.27 -15.70
C LYS C 87 20.57 0.41 -14.34
N THR C 88 19.77 1.49 -14.31
CA THR C 88 19.66 2.31 -13.13
C THR C 88 18.46 1.86 -12.31
N VAL C 89 18.61 1.94 -10.98
CA VAL C 89 17.55 1.63 -10.05
C VAL C 89 17.52 2.70 -8.97
N CYS C 90 16.34 3.28 -8.76
CA CYS C 90 16.18 4.39 -7.83
C CYS C 90 15.36 3.92 -6.63
N ALA C 91 16.01 3.83 -5.48
CA ALA C 91 15.39 3.36 -4.25
C ALA C 91 14.90 4.55 -3.42
N LEU C 92 13.60 4.57 -3.14
CA LEU C 92 13.00 5.66 -2.39
C LEU C 92 12.37 5.13 -1.11
N TYR C 93 11.90 6.05 -0.26
CA TYR C 93 11.28 5.71 1.01
C TYR C 93 9.84 5.30 0.77
N GLY C 94 9.42 4.23 1.44
CA GLY C 94 8.04 3.78 1.40
C GLY C 94 7.65 3.28 0.01
N HIS C 95 6.73 4.00 -0.64
CA HIS C 95 6.24 3.64 -1.96
C HIS C 95 6.76 4.67 -2.96
N PRO C 96 7.39 4.22 -4.07
CA PRO C 96 8.04 5.13 -5.01
C PRO C 96 7.08 5.92 -5.90
N GLY C 97 5.78 5.67 -5.72
CA GLY C 97 4.76 6.31 -6.56
C GLY C 97 3.69 6.99 -5.72
N VAL C 98 4.03 7.29 -4.46
CA VAL C 98 3.09 7.87 -3.51
C VAL C 98 3.76 9.07 -2.84
N PHE C 99 3.26 10.27 -3.14
CA PHE C 99 3.86 11.49 -2.64
C PHE C 99 5.37 11.46 -2.95
N ALA C 100 5.69 11.28 -4.23
CA ALA C 100 7.07 11.18 -4.69
C ALA C 100 7.19 11.74 -6.10
N CYS C 101 7.77 12.94 -6.23
CA CYS C 101 7.85 13.61 -7.52
C CYS C 101 9.05 13.09 -8.31
N VAL C 102 10.17 12.86 -7.62
CA VAL C 102 11.42 12.51 -8.26
C VAL C 102 11.19 11.32 -9.19
N SER C 103 10.44 10.32 -8.72
CA SER C 103 10.21 9.11 -9.49
C SER C 103 9.37 9.40 -10.73
N HIS C 104 8.18 9.99 -10.53
CA HIS C 104 7.27 10.24 -11.63
C HIS C 104 7.96 11.12 -12.67
N MET C 105 8.80 12.06 -12.20
CA MET C 105 9.54 12.94 -13.10
C MET C 105 10.53 12.12 -13.91
N ALA C 106 11.33 11.31 -13.20
CA ALA C 106 12.40 10.54 -13.83
C ALA C 106 11.81 9.56 -14.85
N ILE C 107 10.77 8.84 -14.44
CA ILE C 107 10.12 7.86 -15.30
C ILE C 107 9.58 8.57 -16.55
N THR C 108 8.97 9.74 -16.34
CA THR C 108 8.34 10.47 -17.43
C THR C 108 9.40 10.85 -18.47
N ARG C 109 10.55 11.36 -18.00
CA ARG C 109 11.55 11.90 -18.90
C ARG C 109 12.33 10.77 -19.55
N ALA C 110 12.35 9.60 -18.90
CA ALA C 110 13.01 8.44 -19.46
C ALA C 110 12.14 7.83 -20.56
N LYS C 111 10.81 7.86 -20.34
CA LYS C 111 9.85 7.43 -21.35
C LYS C 111 9.94 8.36 -22.55
N ALA C 112 10.30 9.63 -22.29
CA ALA C 112 10.30 10.65 -23.32
C ALA C 112 11.60 10.56 -24.14
N GLU C 113 12.59 9.82 -23.62
CA GLU C 113 13.86 9.67 -24.29
C GLU C 113 14.00 8.25 -24.83
N GLY C 114 12.87 7.51 -24.85
CA GLY C 114 12.83 6.19 -25.46
C GLY C 114 13.36 5.11 -24.51
N PHE C 115 13.94 5.54 -23.39
CA PHE C 115 14.47 4.61 -22.41
C PHE C 115 13.33 3.85 -21.75
N SER C 116 13.65 2.66 -21.24
CA SER C 116 12.69 1.83 -20.52
C SER C 116 12.70 2.21 -19.04
N ALA C 117 11.52 2.57 -18.52
CA ALA C 117 11.38 3.03 -17.16
C ALA C 117 10.08 2.50 -16.57
N LYS C 118 10.14 2.00 -15.33
CA LYS C 118 8.96 1.49 -14.66
C LYS C 118 9.11 1.71 -13.15
N MET C 119 8.11 1.23 -12.40
CA MET C 119 8.04 1.45 -10.97
C MET C 119 7.44 0.24 -10.29
N GLU C 120 8.14 -0.27 -9.27
CA GLU C 120 7.66 -1.40 -8.49
C GLU C 120 6.95 -0.88 -7.26
N PRO C 121 5.76 -1.44 -6.93
CA PRO C 121 5.02 -1.02 -5.72
C PRO C 121 5.72 -1.44 -4.44
N GLY C 122 5.62 -0.58 -3.42
CA GLY C 122 6.11 -0.88 -2.09
C GLY C 122 5.05 -0.54 -1.04
N ILE C 123 5.43 -0.64 0.23
CA ILE C 123 4.50 -0.40 1.32
C ILE C 123 4.54 1.08 1.71
N SER C 124 3.41 1.76 1.55
CA SER C 124 3.28 3.17 1.91
C SER C 124 2.91 3.29 3.39
N ALA C 125 2.98 4.52 3.91
CA ALA C 125 2.66 4.79 5.29
C ALA C 125 1.21 4.40 5.59
N GLU C 126 0.37 4.48 4.55
CA GLU C 126 -1.05 4.18 4.66
C GLU C 126 -1.24 2.69 4.95
N ALA C 127 -0.49 1.86 4.21
CA ALA C 127 -0.54 0.42 4.38
C ALA C 127 -0.18 0.05 5.82
N CYS C 128 0.71 0.85 6.41
CA CYS C 128 1.15 0.62 7.77
C CYS C 128 0.06 1.06 8.75
N LEU C 129 -0.60 2.17 8.42
CA LEU C 129 -1.62 2.76 9.28
C LEU C 129 -2.74 1.75 9.52
N TRP C 130 -3.18 1.09 8.44
CA TRP C 130 -4.28 0.15 8.52
C TRP C 130 -3.95 -0.97 9.51
N ALA C 131 -2.72 -1.47 9.44
CA ALA C 131 -2.30 -2.60 10.26
C ALA C 131 -2.19 -2.16 11.72
N ASP C 132 -1.53 -1.03 11.97
CA ASP C 132 -1.23 -0.58 13.31
C ASP C 132 -2.51 -0.19 14.04
N LEU C 133 -3.49 0.32 13.28
CA LEU C 133 -4.74 0.78 13.88
C LEU C 133 -5.83 -0.27 13.65
N GLY C 134 -5.44 -1.44 13.16
CA GLY C 134 -6.37 -2.54 12.93
C GLY C 134 -7.63 -2.05 12.21
N ILE C 135 -7.45 -1.27 11.15
CA ILE C 135 -8.55 -0.74 10.38
C ILE C 135 -8.56 -1.41 9.01
N ASP C 136 -9.75 -1.84 8.58
CA ASP C 136 -9.94 -2.36 7.22
C ASP C 136 -10.58 -1.27 6.38
N PRO C 137 -9.83 -0.65 5.44
CA PRO C 137 -10.37 0.42 4.60
C PRO C 137 -11.36 -0.08 3.55
N GLY C 138 -11.25 -1.37 3.22
CA GLY C 138 -12.11 -1.98 2.23
C GLY C 138 -13.58 -1.82 2.57
N ASN C 139 -13.91 -2.06 3.84
CA ASN C 139 -15.29 -2.02 4.30
C ASN C 139 -15.68 -0.59 4.66
N SER C 140 -14.74 0.16 5.24
CA SER C 140 -15.04 1.47 5.80
C SER C 140 -14.96 2.54 4.71
N GLY C 141 -13.98 2.39 3.81
CA GLY C 141 -13.69 3.43 2.83
C GLY C 141 -12.79 4.49 3.45
N HIS C 142 -12.06 5.22 2.60
CA HIS C 142 -11.13 6.23 3.09
C HIS C 142 -10.87 7.29 2.03
N GLN C 143 -10.19 8.36 2.44
CA GLN C 143 -9.85 9.46 1.56
C GLN C 143 -8.45 9.96 1.92
N SER C 144 -7.69 10.41 0.91
CA SER C 144 -6.34 10.87 1.12
C SER C 144 -6.11 12.20 0.40
N PHE C 145 -5.46 13.14 1.12
CA PHE C 145 -5.09 14.42 0.55
C PHE C 145 -3.76 14.86 1.16
N GLU C 146 -2.95 15.56 0.35
CA GLU C 146 -1.77 16.22 0.84
C GLU C 146 -2.19 17.47 1.60
N ALA C 147 -1.86 17.52 2.89
CA ALA C 147 -2.34 18.56 3.79
C ALA C 147 -2.35 19.91 3.08
N SER C 148 -1.22 20.28 2.48
CA SER C 148 -1.06 21.57 1.85
C SER C 148 -2.09 21.74 0.72
N GLN C 149 -2.16 20.75 -0.16
CA GLN C 149 -3.07 20.79 -1.29
C GLN C 149 -4.50 20.98 -0.78
N PHE C 150 -4.80 20.33 0.35
CA PHE C 150 -6.15 20.36 0.91
C PHE C 150 -6.47 21.77 1.40
N MET C 151 -5.43 22.60 1.55
CA MET C 151 -5.58 23.94 2.09
C MET C 151 -5.66 24.97 0.96
N PHE C 152 -4.87 24.76 -0.10
CA PHE C 152 -4.70 25.75 -1.14
C PHE C 152 -5.74 25.54 -2.23
N PHE C 153 -6.48 24.43 -2.16
CA PHE C 153 -7.43 24.08 -3.20
C PHE C 153 -8.78 23.75 -2.57
N ASN C 154 -9.81 23.60 -3.41
CA ASN C 154 -11.14 23.25 -2.94
C ASN C 154 -11.31 21.74 -2.99
N HIS C 155 -11.16 21.10 -1.83
CA HIS C 155 -11.43 19.68 -1.69
C HIS C 155 -12.58 19.50 -0.70
N VAL C 156 -13.65 18.84 -1.17
CA VAL C 156 -14.82 18.60 -0.35
C VAL C 156 -14.75 17.19 0.22
N PRO C 157 -14.27 17.03 1.48
CA PRO C 157 -14.18 15.71 2.10
C PRO C 157 -15.56 15.16 2.47
N ASP C 158 -15.69 13.83 2.43
CA ASP C 158 -16.89 13.15 2.89
C ASP C 158 -16.71 12.77 4.35
N PRO C 159 -17.34 13.50 5.30
CA PRO C 159 -17.09 13.29 6.73
C PRO C 159 -17.70 12.00 7.32
N THR C 160 -18.16 11.10 6.45
CA THR C 160 -18.74 9.85 6.90
C THR C 160 -17.69 8.74 6.82
N THR C 161 -16.54 9.07 6.23
CA THR C 161 -15.49 8.09 6.00
C THR C 161 -14.15 8.68 6.43
N HIS C 162 -13.19 7.79 6.72
CA HIS C 162 -11.89 8.21 7.24
C HIS C 162 -11.25 9.22 6.28
N LEU C 163 -10.54 10.19 6.86
CA LEU C 163 -9.84 11.21 6.09
C LEU C 163 -8.39 11.28 6.56
N LEU C 164 -7.46 10.98 5.65
CA LEU C 164 -6.04 11.06 5.95
C LEU C 164 -5.46 12.34 5.37
N LEU C 165 -4.64 13.03 6.15
CA LEU C 165 -3.89 14.19 5.67
C LEU C 165 -2.40 13.91 5.81
N TRP C 166 -1.72 13.77 4.68
CA TRP C 166 -0.29 13.46 4.67
C TRP C 166 0.52 14.74 4.80
N GLN C 167 1.76 14.59 5.31
CA GLN C 167 2.70 15.69 5.40
C GLN C 167 2.04 16.86 6.13
N ILE C 168 1.44 16.53 7.29
CA ILE C 168 0.75 17.50 8.11
C ILE C 168 1.78 18.42 8.76
N ALA C 169 3.03 17.96 8.80
CA ALA C 169 4.10 18.69 9.45
C ALA C 169 4.42 19.97 8.69
N ILE C 170 4.37 19.89 7.35
CA ILE C 170 4.75 21.00 6.49
C ILE C 170 3.51 21.60 5.84
N ALA C 171 2.36 21.48 6.52
CA ALA C 171 1.11 21.98 5.97
C ALA C 171 1.14 23.50 5.88
N GLY C 172 0.94 24.01 4.66
CA GLY C 172 0.96 25.45 4.41
C GLY C 172 2.32 25.90 3.90
N GLU C 173 3.13 24.92 3.47
CA GLU C 173 4.46 25.19 2.94
C GLU C 173 4.33 26.05 1.68
N HIS C 174 4.82 27.29 1.75
CA HIS C 174 4.71 28.23 0.64
C HIS C 174 5.84 29.24 0.71
N THR C 175 5.92 30.10 -0.32
CA THR C 175 6.95 31.13 -0.39
C THR C 175 6.62 32.23 0.62
N LEU C 176 7.66 32.76 1.26
CA LEU C 176 7.47 33.75 2.32
C LEU C 176 6.93 35.05 1.75
N THR C 177 5.88 35.56 2.38
CA THR C 177 5.36 36.89 2.10
C THR C 177 4.96 37.52 3.42
N GLN C 178 4.34 36.72 4.27
CA GLN C 178 3.92 37.15 5.59
C GLN C 178 4.50 36.21 6.63
N PHE C 179 4.55 36.66 7.88
CA PHE C 179 5.17 35.87 8.92
C PHE C 179 4.11 35.00 9.60
N HIS C 180 4.21 33.70 9.36
CA HIS C 180 3.33 32.73 10.01
C HIS C 180 4.15 31.55 10.51
N THR C 181 3.89 31.15 11.76
CA THR C 181 4.47 29.96 12.35
C THR C 181 3.68 28.74 11.86
N SER C 182 4.25 27.55 12.05
CA SER C 182 3.59 26.32 11.67
C SER C 182 2.27 26.19 12.43
N SER C 183 2.26 26.65 13.69
CA SER C 183 1.06 26.59 14.51
C SER C 183 -0.02 27.47 13.91
N ASP C 184 0.39 28.57 13.26
CA ASP C 184 -0.56 29.47 12.63
C ASP C 184 -1.19 28.77 11.43
N ARG C 185 -0.35 28.03 10.68
CA ARG C 185 -0.82 27.30 9.52
C ARG C 185 -1.79 26.22 9.97
N LEU C 186 -1.39 25.48 11.01
CA LEU C 186 -2.18 24.36 11.51
C LEU C 186 -3.50 24.88 12.07
N GLN C 187 -3.50 26.12 12.55
CA GLN C 187 -4.69 26.73 13.12
C GLN C 187 -5.70 27.01 12.00
N ILE C 188 -5.19 27.40 10.83
CA ILE C 188 -6.03 27.68 9.68
C ILE C 188 -6.69 26.38 9.22
N LEU C 189 -5.88 25.32 9.13
CA LEU C 189 -6.37 24.01 8.72
C LEU C 189 -7.49 23.58 9.65
N VAL C 190 -7.28 23.78 10.96
CA VAL C 190 -8.24 23.39 11.97
C VAL C 190 -9.57 24.10 11.72
N GLU C 191 -9.48 25.37 11.32
CA GLU C 191 -10.66 26.18 11.06
C GLU C 191 -11.37 25.67 9.80
N GLN C 192 -10.58 25.20 8.84
CA GLN C 192 -11.10 24.79 7.54
C GLN C 192 -11.80 23.44 7.68
N LEU C 193 -11.28 22.60 8.58
CA LEU C 193 -11.87 21.30 8.84
C LEU C 193 -13.13 21.46 9.69
N ASN C 194 -13.27 22.64 10.31
CA ASN C 194 -14.34 22.89 11.25
C ASN C 194 -15.66 23.01 10.50
N GLN C 195 -15.56 23.08 9.17
CA GLN C 195 -16.73 23.18 8.31
C GLN C 195 -17.46 21.85 8.27
N TRP C 196 -16.81 20.78 8.75
CA TRP C 196 -17.38 19.45 8.72
C TRP C 196 -17.23 18.75 10.06
N TYR C 197 -16.09 18.99 10.73
CA TYR C 197 -15.77 18.32 11.99
C TYR C 197 -15.74 19.34 13.12
N PRO C 198 -16.29 19.00 14.31
CA PRO C 198 -16.20 19.88 15.47
C PRO C 198 -14.78 19.94 16.05
N LEU C 199 -14.54 20.93 16.92
CA LEU C 199 -13.22 21.17 17.48
C LEU C 199 -12.87 20.05 18.45
N ASP C 200 -13.89 19.47 19.09
CA ASP C 200 -13.68 18.47 20.12
C ASP C 200 -13.56 17.09 19.48
N HIS C 201 -13.55 17.04 18.14
CA HIS C 201 -13.48 15.78 17.43
C HIS C 201 -12.08 15.18 17.59
N GLU C 202 -12.04 13.91 17.98
CA GLU C 202 -10.78 13.23 18.25
C GLU C 202 -10.12 12.84 16.93
N VAL C 203 -8.83 13.15 16.81
CA VAL C 203 -8.05 12.80 15.64
C VAL C 203 -6.82 12.02 16.11
N VAL C 204 -6.04 11.51 15.16
CA VAL C 204 -4.92 10.64 15.49
C VAL C 204 -3.70 11.06 14.69
N ILE C 205 -2.59 11.28 15.41
CA ILE C 205 -1.32 11.64 14.78
C ILE C 205 -0.48 10.38 14.67
N TYR C 206 -0.48 9.77 13.47
CA TYR C 206 0.20 8.50 13.25
C TYR C 206 1.58 8.76 12.67
N GLU C 207 2.57 8.02 13.17
CA GLU C 207 3.93 8.03 12.65
C GLU C 207 4.46 6.60 12.61
N ALA C 208 4.68 6.10 11.40
CA ALA C 208 5.15 4.73 11.22
C ALA C 208 6.54 4.57 11.82
N ALA C 209 6.74 3.45 12.52
CA ALA C 209 8.03 3.15 13.12
C ALA C 209 9.06 2.89 12.02
N ASN C 210 10.24 3.49 12.17
CA ASN C 210 11.34 3.27 11.25
C ASN C 210 12.14 2.05 11.69
N LEU C 211 12.57 2.09 12.95
CA LEU C 211 13.44 1.07 13.51
C LEU C 211 12.60 -0.02 14.16
N PRO C 212 13.06 -1.29 14.10
CA PRO C 212 12.30 -2.40 14.69
C PRO C 212 12.24 -2.38 16.22
N ILE C 213 12.98 -1.47 16.85
CA ILE C 213 12.98 -1.35 18.29
C ILE C 213 12.08 -0.19 18.70
N GLN C 214 11.58 0.54 17.71
CA GLN C 214 10.71 1.67 17.95
C GLN C 214 9.26 1.27 17.68
N ALA C 215 8.34 1.79 18.50
CA ALA C 215 6.91 1.58 18.29
C ALA C 215 6.33 2.77 17.54
N PRO C 216 5.27 2.57 16.74
CA PRO C 216 4.62 3.67 16.04
C PRO C 216 3.93 4.64 17.01
N ARG C 217 3.90 5.91 16.63
CA ARG C 217 3.20 6.93 17.39
C ARG C 217 1.73 6.95 16.96
N ILE C 218 0.83 6.86 17.94
CA ILE C 218 -0.60 6.91 17.68
C ILE C 218 -1.25 7.80 18.74
N GLU C 219 -0.99 9.11 18.64
CA GLU C 219 -1.50 10.06 19.61
C GLU C 219 -2.91 10.49 19.20
N ARG C 220 -3.82 10.51 20.19
CA ARG C 220 -5.17 10.99 19.98
C ARG C 220 -5.33 12.32 20.70
N LEU C 221 -6.05 13.25 20.06
CA LEU C 221 -6.26 14.58 20.62
C LEU C 221 -7.42 15.25 19.89
N PRO C 222 -8.13 16.20 20.53
CA PRO C 222 -9.15 16.99 19.85
C PRO C 222 -8.50 17.83 18.74
N LEU C 223 -9.28 18.09 17.69
CA LEU C 223 -8.80 18.80 16.51
C LEU C 223 -8.29 20.18 16.91
N ALA C 224 -8.71 20.65 18.08
CA ALA C 224 -8.39 21.99 18.54
C ALA C 224 -6.95 22.07 19.03
N ASN C 225 -6.37 20.91 19.37
CA ASN C 225 -5.04 20.88 19.97
C ASN C 225 -3.99 20.53 18.92
N LEU C 226 -4.38 20.57 17.64
CA LEU C 226 -3.49 20.18 16.57
C LEU C 226 -2.33 21.17 16.47
N PRO C 227 -2.59 22.49 16.53
CA PRO C 227 -1.53 23.50 16.39
C PRO C 227 -0.39 23.29 17.38
N GLN C 228 -0.75 22.97 18.63
CA GLN C 228 0.23 22.82 19.70
C GLN C 228 1.03 21.53 19.50
N ALA C 229 0.42 20.54 18.87
CA ALA C 229 1.03 19.23 18.71
C ALA C 229 2.42 19.36 18.08
N HIS C 230 3.35 18.52 18.54
CA HIS C 230 4.68 18.44 17.96
C HIS C 230 4.68 17.39 16.85
N LEU C 231 4.91 17.85 15.62
CA LEU C 231 4.77 17.00 14.45
C LEU C 231 6.15 16.67 13.88
N MET C 232 6.16 15.73 12.92
CA MET C 232 7.38 15.23 12.32
C MET C 232 7.18 15.16 10.80
N PRO C 233 8.27 15.04 10.01
CA PRO C 233 8.14 14.96 8.56
C PRO C 233 7.10 13.93 8.11
N ILE C 234 7.19 12.72 8.68
CA ILE C 234 6.43 11.58 8.20
C ILE C 234 5.06 11.53 8.90
N SER C 235 4.78 12.52 9.75
CA SER C 235 3.52 12.55 10.48
C SER C 235 2.35 12.65 9.52
N THR C 236 1.28 11.90 9.81
CA THR C 236 0.04 11.97 9.04
C THR C 236 -1.12 12.07 10.02
N LEU C 237 -2.12 12.87 9.67
CA LEU C 237 -3.29 13.06 10.52
C LEU C 237 -4.44 12.21 9.99
N LEU C 238 -5.00 11.39 10.89
CA LEU C 238 -6.18 10.59 10.58
C LEU C 238 -7.40 11.24 11.23
N ILE C 239 -8.39 11.58 10.41
CA ILE C 239 -9.62 12.20 10.89
C ILE C 239 -10.77 11.21 10.71
N PRO C 240 -11.11 10.42 11.74
CA PRO C 240 -12.22 9.46 11.64
C PRO C 240 -13.52 10.19 11.35
N PRO C 241 -14.57 9.47 10.88
CA PRO C 241 -15.85 10.10 10.52
C PRO C 241 -16.45 10.94 11.64
N ALA C 242 -17.32 11.89 11.28
CA ALA C 242 -17.99 12.74 12.24
C ALA C 242 -19.48 12.84 11.92
N LYS C 243 -19.89 12.27 10.78
CA LYS C 243 -21.29 12.23 10.40
C LYS C 243 -21.74 10.78 10.23
N LYS C 244 -23.01 10.54 10.57
CA LYS C 244 -23.61 9.22 10.44
C LYS C 244 -23.97 8.98 8.98
N LEU C 245 -24.05 7.70 8.60
CA LEU C 245 -24.48 7.33 7.26
C LEU C 245 -25.97 7.60 7.11
N GLU C 246 -26.41 7.78 5.87
CA GLU C 246 -27.81 7.93 5.55
C GLU C 246 -28.13 7.07 4.33
N TYR C 247 -29.33 6.48 4.32
CA TYR C 247 -29.79 5.70 3.19
C TYR C 247 -29.82 6.60 1.95
N ASN C 248 -29.32 6.06 0.84
CA ASN C 248 -29.40 6.72 -0.45
C ASN C 248 -30.73 6.34 -1.10
N TYR C 249 -31.81 6.95 -0.60
CA TYR C 249 -33.16 6.56 -0.97
C TYR C 249 -33.31 6.59 -2.49
N ALA C 250 -32.76 7.63 -3.12
CA ALA C 250 -32.82 7.77 -4.56
C ALA C 250 -32.44 6.46 -5.23
N ILE C 251 -31.23 5.98 -4.91
CA ILE C 251 -30.64 4.83 -5.61
C ILE C 251 -31.28 3.54 -5.09
N LEU C 252 -31.64 3.53 -3.80
CA LEU C 252 -32.29 2.38 -3.21
C LEU C 252 -33.61 2.12 -3.92
N ALA C 253 -34.32 3.21 -4.25
CA ALA C 253 -35.60 3.12 -4.94
C ALA C 253 -35.40 2.46 -6.29
N LYS C 254 -34.34 2.85 -7.01
CA LYS C 254 -34.06 2.31 -8.33
C LYS C 254 -33.77 0.82 -8.22
N LEU C 255 -33.02 0.42 -7.18
CA LEU C 255 -32.56 -0.95 -7.05
C LEU C 255 -33.73 -1.87 -6.71
N GLY C 256 -34.78 -1.30 -6.09
CA GLY C 256 -35.96 -2.07 -5.74
C GLY C 256 -36.26 -1.96 -4.25
N ILE C 257 -35.33 -1.37 -3.49
CA ILE C 257 -35.51 -1.23 -2.06
C ILE C 257 -36.00 0.18 -1.75
N GLY C 258 -37.14 0.27 -1.07
CA GLY C 258 -37.62 1.53 -0.53
C GLY C 258 -37.83 1.41 0.97
N PRO C 259 -38.77 2.20 1.55
CA PRO C 259 -39.21 1.98 2.92
C PRO C 259 -39.19 0.53 3.38
N GLU C 260 -38.03 0.03 3.81
CA GLU C 260 -37.96 -1.33 4.32
C GLU C 260 -36.69 -1.50 5.19
N LEU D 11 25.67 -2.72 15.81
CA LEU D 11 24.59 -1.74 16.10
C LEU D 11 23.70 -1.59 14.86
N SER D 12 24.31 -1.17 13.75
CA SER D 12 23.61 -1.02 12.49
C SER D 12 23.28 -2.39 11.91
N ASP D 13 24.23 -3.32 12.07
CA ASP D 13 24.06 -4.68 11.58
C ASP D 13 22.93 -5.36 12.36
N PHE D 14 22.81 -4.99 13.64
CA PHE D 14 21.84 -5.61 14.53
C PHE D 14 20.43 -5.18 14.13
N PHE D 15 20.23 -3.87 13.97
CA PHE D 15 18.94 -3.33 13.57
C PHE D 15 18.54 -3.94 12.23
N THR D 16 19.54 -4.23 11.39
CA THR D 16 19.31 -4.77 10.07
C THR D 16 18.83 -6.22 10.18
N GLN D 17 19.54 -7.02 11.00
CA GLN D 17 19.18 -8.41 11.20
C GLN D 17 17.84 -8.49 11.91
N LEU D 18 17.59 -7.54 12.82
CA LEU D 18 16.38 -7.56 13.64
C LEU D 18 15.18 -7.20 12.79
N GLY D 19 15.41 -6.44 11.72
CA GLY D 19 14.35 -5.96 10.86
C GLY D 19 14.01 -6.97 9.75
N GLN D 20 14.92 -7.91 9.52
CA GLN D 20 14.78 -8.87 8.43
C GLN D 20 14.43 -10.25 8.99
N ASP D 21 15.12 -10.62 10.08
CA ASP D 21 15.04 -11.97 10.62
C ASP D 21 13.88 -12.05 11.61
N ALA D 22 12.89 -12.87 11.28
CA ALA D 22 11.71 -13.04 12.12
C ALA D 22 12.06 -13.83 13.37
N GLN D 23 13.13 -14.63 13.28
CA GLN D 23 13.58 -15.44 14.40
C GLN D 23 14.22 -14.52 15.44
N LEU D 24 15.22 -13.74 15.01
CA LEU D 24 15.88 -12.79 15.87
C LEU D 24 14.85 -11.80 16.42
N MET D 25 13.84 -11.51 15.60
CA MET D 25 12.76 -10.62 15.97
C MET D 25 12.11 -11.11 17.27
N GLU D 26 11.78 -12.40 17.30
CA GLU D 26 11.03 -12.98 18.41
C GLU D 26 11.95 -13.17 19.61
N ASP D 27 13.13 -13.73 19.37
CA ASP D 27 14.12 -13.93 20.43
C ASP D 27 14.33 -12.62 21.17
N TYR D 28 14.26 -11.51 20.42
CA TYR D 28 14.46 -10.18 21.00
C TYR D 28 13.38 -9.90 22.03
N LYS D 29 12.14 -10.23 21.69
CA LYS D 29 11.01 -9.97 22.58
C LYS D 29 11.02 -10.95 23.74
N GLN D 30 11.67 -12.10 23.55
CA GLN D 30 11.78 -13.10 24.60
C GLN D 30 12.69 -12.58 25.70
N ASN D 31 13.81 -11.95 25.29
CA ASN D 31 14.83 -11.52 26.20
C ASN D 31 15.63 -10.38 25.56
N PRO D 32 15.06 -9.16 25.48
CA PRO D 32 15.70 -8.06 24.75
C PRO D 32 17.17 -7.88 25.11
N GLU D 33 17.42 -7.56 26.38
CA GLU D 33 18.77 -7.23 26.85
C GLU D 33 19.75 -8.32 26.43
N ALA D 34 19.42 -9.57 26.77
CA ALA D 34 20.33 -10.68 26.57
C ALA D 34 20.74 -10.81 25.11
N VAL D 35 19.75 -10.68 24.21
CA VAL D 35 19.98 -10.87 22.79
C VAL D 35 20.90 -9.76 22.27
N MET D 36 20.74 -8.55 22.82
CA MET D 36 21.52 -7.41 22.39
C MET D 36 22.97 -7.59 22.83
N ARG D 37 23.17 -8.26 23.97
CA ARG D 37 24.52 -8.63 24.41
C ARG D 37 25.10 -9.63 23.41
N ALA D 38 24.28 -10.60 23.01
CA ALA D 38 24.74 -11.71 22.18
C ALA D 38 25.38 -11.18 20.90
N HIS D 39 25.00 -9.96 20.49
CA HIS D 39 25.59 -9.34 19.32
C HIS D 39 26.74 -8.44 19.74
N GLY D 40 26.56 -7.71 20.85
CA GLY D 40 27.64 -6.97 21.48
C GLY D 40 27.33 -5.47 21.52
N LEU D 41 26.40 -5.10 22.41
CA LEU D 41 26.09 -3.70 22.65
C LEU D 41 26.30 -3.39 24.12
N THR D 42 26.76 -2.17 24.41
CA THR D 42 27.07 -1.74 25.77
C THR D 42 25.77 -1.46 26.51
N ASP D 43 25.88 -1.33 27.85
CA ASP D 43 24.73 -1.09 28.70
C ASP D 43 24.13 0.28 28.41
N GLU D 44 25.00 1.23 28.01
CA GLU D 44 24.56 2.58 27.73
C GLU D 44 23.61 2.57 26.54
N GLN D 45 23.96 1.78 25.52
CA GLN D 45 23.13 1.63 24.33
C GLN D 45 21.83 0.92 24.71
N ILE D 46 21.98 -0.25 25.34
CA ILE D 46 20.85 -1.07 25.73
C ILE D 46 19.87 -0.21 26.55
N ASN D 47 20.43 0.71 27.33
CA ASN D 47 19.62 1.60 28.15
C ASN D 47 18.81 2.52 27.24
N ALA D 48 19.50 3.11 26.24
CA ALA D 48 18.88 4.06 25.33
C ALA D 48 17.80 3.36 24.51
N VAL D 49 18.03 2.09 24.20
CA VAL D 49 17.08 1.29 23.45
C VAL D 49 15.86 1.02 24.34
N MET D 50 16.13 0.66 25.60
CA MET D 50 15.09 0.27 26.54
C MET D 50 14.32 1.49 27.03
N THR D 51 15.04 2.61 27.24
CA THR D 51 14.40 3.83 27.69
C THR D 51 13.36 4.27 26.68
N GLY D 52 13.80 4.48 25.43
CA GLY D 52 12.92 4.90 24.36
C GLY D 52 13.43 6.17 23.69
N ASP D 53 14.67 6.55 24.03
CA ASP D 53 15.27 7.77 23.51
C ASP D 53 15.92 7.47 22.17
N MET D 54 15.14 7.62 21.09
CA MET D 54 15.66 7.45 19.74
C MET D 54 16.85 8.38 19.55
N GLU D 55 16.66 9.64 19.94
CA GLU D 55 17.70 10.65 19.82
C GLU D 55 19.00 10.12 20.41
N LYS D 56 18.90 9.48 21.57
CA LYS D 56 20.06 8.89 22.23
C LYS D 56 20.88 8.08 21.24
N LEU D 57 20.20 7.41 20.31
CA LEU D 57 20.85 6.46 19.42
C LEU D 57 21.52 7.22 18.28
N LYS D 58 21.50 8.55 18.35
CA LYS D 58 22.10 9.38 17.31
C LYS D 58 23.61 9.49 17.54
N THR D 59 24.11 8.83 18.59
CA THR D 59 25.51 8.92 18.93
C THR D 59 26.13 7.53 18.96
N LEU D 60 25.44 6.58 19.60
CA LEU D 60 25.94 5.22 19.66
C LEU D 60 26.05 4.69 18.24
N SER D 61 25.36 5.36 17.31
CA SER D 61 25.49 5.10 15.89
C SER D 61 26.76 5.79 15.35
ZN ZN E . -5.68 5.02 -0.29
#